data_2RBO
#
_entry.id   2RBO
#
_cell.length_a   60.107
_cell.length_b   60.107
_cell.length_c   96.715
_cell.angle_alpha   90.00
_cell.angle_beta   90.00
_cell.angle_gamma   120.00
#
_symmetry.space_group_name_H-M   'P 32 2 1'
#
loop_
_entity.id
_entity.type
_entity.pdbx_description
1 polymer Lysozyme
2 non-polymer 'PHOSPHATE ION'
3 non-polymer 2-nitrothiophene
4 water water
#
_entity_poly.entity_id   1
_entity_poly.type   'polypeptide(L)'
_entity_poly.pdbx_seq_one_letter_code
;MNIFEMLRIDEGLRLKIYKDTEGYYTIGIGHLLTKSPSLNAAKSELDKAIGRNCNGVITKDEAEKLFNQDVDAAVRGILR
NAKLKPVYDSLDAVRRCAAINQVFQMGETGVAGFTNSLRMLQQKRWDEAAVNLAKSRWYNQTPNRAKRVITTFRTGTWDA
YK
;
_entity_poly.pdbx_strand_id   A
#
loop_
_chem_comp.id
_chem_comp.type
_chem_comp.name
_chem_comp.formula
265 non-polymer 2-nitrothiophene 'C4 H3 N O2 S'
PO4 non-polymer 'PHOSPHATE ION' 'O4 P -3'
#
# COMPACT_ATOMS: atom_id res chain seq x y z
N MET A 1 3.72 1.24 -16.86
CA MET A 1 3.54 1.18 -15.39
CA MET A 1 3.56 1.22 -15.37
C MET A 1 2.34 2.02 -14.95
N ASN A 2 1.67 1.55 -13.89
CA ASN A 2 0.55 2.24 -13.27
C ASN A 2 0.49 1.71 -11.84
N ILE A 3 -0.44 2.23 -11.04
CA ILE A 3 -0.51 1.86 -9.62
C ILE A 3 -0.72 0.36 -9.41
N PHE A 4 -1.50 -0.29 -10.28
CA PHE A 4 -1.77 -1.71 -10.15
C PHE A 4 -0.51 -2.51 -10.41
N GLU A 5 0.19 -2.21 -11.50
CA GLU A 5 1.44 -2.92 -11.80
C GLU A 5 2.51 -2.68 -10.73
N MET A 6 2.55 -1.46 -10.21
CA MET A 6 3.51 -1.07 -9.17
C MET A 6 3.29 -1.86 -7.88
N LEU A 7 2.06 -1.84 -7.37
CA LEU A 7 1.74 -2.57 -6.16
C LEU A 7 1.81 -4.09 -6.36
N ARG A 8 1.50 -4.56 -7.57
CA ARG A 8 1.65 -5.98 -7.86
C ARG A 8 3.11 -6.42 -7.70
N ILE A 9 4.04 -5.58 -8.17
CA ILE A 9 5.46 -5.84 -7.97
C ILE A 9 5.83 -5.85 -6.47
N ASP A 10 5.39 -4.82 -5.76
CA ASP A 10 5.81 -4.65 -4.36
C ASP A 10 5.16 -5.65 -3.42
N GLU A 11 3.93 -6.07 -3.72
CA GLU A 11 3.18 -6.93 -2.80
C GLU A 11 3.17 -8.39 -3.20
N GLY A 12 3.44 -8.69 -4.46
CA GLY A 12 3.34 -10.06 -4.96
C GLY A 12 1.89 -10.51 -5.13
N LEU A 13 1.72 -11.79 -5.41
CA LEU A 13 0.39 -12.41 -5.47
C LEU A 13 0.48 -13.81 -4.89
N ARG A 14 -0.28 -14.05 -3.82
CA ARG A 14 -0.33 -15.36 -3.19
C ARG A 14 -1.79 -15.72 -2.94
N LEU A 15 -2.19 -16.94 -3.28
CA LEU A 15 -3.59 -17.32 -3.26
C LEU A 15 -4.01 -18.01 -1.95
N LYS A 16 -3.04 -18.32 -1.10
CA LYS A 16 -3.31 -18.91 0.21
C LYS A 16 -2.93 -17.90 1.27
N ILE A 17 -3.60 -17.95 2.43
CA ILE A 17 -3.29 -17.05 3.53
C ILE A 17 -1.79 -17.16 3.86
N TYR A 18 -1.14 -16.00 3.98
CA TYR A 18 0.27 -15.92 4.33
C TYR A 18 0.44 -14.80 5.33
N LYS A 19 1.61 -14.72 5.94
CA LYS A 19 1.92 -13.61 6.82
C LYS A 19 2.73 -12.55 6.08
N ASP A 20 2.31 -11.29 6.23
CA ASP A 20 3.01 -10.17 5.61
C ASP A 20 4.34 -9.88 6.34
N THR A 21 5.01 -8.80 5.96
CA THR A 21 6.33 -8.50 6.49
C THR A 21 6.29 -8.20 7.98
N GLU A 22 5.12 -7.83 8.48
CA GLU A 22 4.93 -7.52 9.90
C GLU A 22 4.41 -8.72 10.69
N GLY A 23 4.23 -9.85 10.01
CA GLY A 23 3.71 -11.06 10.64
C GLY A 23 2.21 -11.19 10.67
N TYR A 24 1.50 -10.37 9.87
CA TYR A 24 0.04 -10.34 9.89
C TYR A 24 -0.57 -11.15 8.75
N TYR A 25 -1.64 -11.89 9.05
CA TYR A 25 -2.33 -12.68 8.05
C TYR A 25 -2.88 -11.82 6.92
N THR A 26 -2.59 -12.27 5.72
CA THR A 26 -2.76 -11.51 4.48
C THR A 26 -3.10 -12.52 3.38
N ILE A 27 -3.68 -12.05 2.28
CA ILE A 27 -3.90 -12.91 1.12
C ILE A 27 -3.87 -12.06 -0.14
N GLY A 28 -3.72 -12.71 -1.28
CA GLY A 28 -3.82 -12.04 -2.57
C GLY A 28 -2.65 -11.11 -2.81
N ILE A 29 -2.98 -9.88 -3.21
CA ILE A 29 -1.99 -8.86 -3.49
C ILE A 29 -1.93 -7.91 -2.29
N GLY A 30 -1.34 -8.41 -1.21
CA GLY A 30 -1.18 -7.62 0.01
C GLY A 30 -2.49 -7.20 0.67
N HIS A 31 -3.52 -8.04 0.59
CA HIS A 31 -4.75 -7.72 1.28
C HIS A 31 -4.65 -8.18 2.73
N LEU A 32 -4.45 -7.22 3.64
CA LEU A 32 -4.38 -7.53 5.05
C LEU A 32 -5.73 -8.06 5.54
N LEU A 33 -5.71 -9.20 6.21
CA LEU A 33 -6.95 -9.79 6.72
C LEU A 33 -7.25 -9.33 8.13
N THR A 34 -6.24 -9.39 8.98
CA THR A 34 -6.39 -9.05 10.40
C THR A 34 -5.03 -8.95 11.05
N LYS A 35 -4.96 -8.21 12.14
CA LYS A 35 -3.75 -8.19 12.95
C LYS A 35 -3.79 -9.24 14.06
N SER A 36 -4.90 -9.96 14.14
CA SER A 36 -5.07 -11.05 15.11
C SER A 36 -4.11 -12.20 14.84
N PRO A 37 -3.49 -12.76 15.90
CA PRO A 37 -2.65 -13.94 15.72
C PRO A 37 -3.44 -15.24 15.50
N SER A 38 -4.77 -15.16 15.56
CA SER A 38 -5.62 -16.34 15.41
C SER A 38 -5.95 -16.58 13.93
N LEU A 39 -5.44 -17.69 13.39
CA LEU A 39 -5.69 -18.03 11.99
C LEU A 39 -7.19 -18.18 11.69
N ASN A 40 -7.97 -18.68 12.64
CA ASN A 40 -9.40 -18.77 12.46
C ASN A 40 -10.06 -17.40 12.26
N ALA A 41 -9.57 -16.40 12.99
CA ALA A 41 -10.05 -15.04 12.84
C ALA A 41 -9.74 -14.49 11.44
N ALA A 42 -8.56 -14.82 10.93
CA ALA A 42 -8.16 -14.43 9.58
C ALA A 42 -9.03 -15.09 8.53
N LYS A 43 -9.32 -16.38 8.73
CA LYS A 43 -10.19 -17.12 7.82
C LYS A 43 -11.60 -16.55 7.80
N SER A 44 -12.09 -16.12 8.96
CA SER A 44 -13.39 -15.47 9.04
CA SER A 44 -13.39 -15.46 9.04
C SER A 44 -13.38 -14.17 8.23
N GLU A 45 -12.34 -13.35 8.42
CA GLU A 45 -12.21 -12.12 7.66
C GLU A 45 -12.16 -12.39 6.16
N LEU A 46 -11.46 -13.43 5.76
CA LEU A 46 -11.37 -13.80 4.36
C LEU A 46 -12.75 -14.15 3.80
N ASP A 47 -13.47 -15.03 4.49
CA ASP A 47 -14.79 -15.44 4.03
C ASP A 47 -15.75 -14.25 3.92
N LYS A 48 -15.65 -13.32 4.87
CA LYS A 48 -16.45 -12.10 4.87
C LYS A 48 -16.11 -11.21 3.67
N ALA A 49 -14.83 -11.09 3.36
CA ALA A 49 -14.36 -10.27 2.25
C ALA A 49 -14.76 -10.84 0.89
N ILE A 50 -14.76 -12.17 0.76
CA ILE A 50 -15.02 -12.81 -0.53
C ILE A 50 -16.50 -13.17 -0.71
N GLY A 51 -17.18 -13.42 0.39
CA GLY A 51 -18.59 -13.80 0.36
C GLY A 51 -18.85 -15.28 0.11
N ARG A 52 -17.90 -16.13 0.50
CA ARG A 52 -18.10 -17.58 0.48
C ARG A 52 -17.13 -18.20 1.48
N ASN A 53 -17.33 -19.47 1.80
CA ASN A 53 -16.41 -20.21 2.65
CA ASN A 53 -16.41 -20.20 2.67
C ASN A 53 -15.18 -20.60 1.85
N CYS A 54 -14.07 -19.89 2.07
CA CYS A 54 -12.86 -20.05 1.28
C CYS A 54 -11.87 -21.07 1.80
N ASN A 55 -11.97 -21.38 3.09
CA ASN A 55 -11.03 -22.29 3.74
C ASN A 55 -9.58 -21.85 3.49
N GLY A 56 -9.36 -20.54 3.55
CA GLY A 56 -8.01 -19.98 3.44
C GLY A 56 -7.40 -19.89 2.05
N VAL A 57 -8.19 -20.14 1.01
CA VAL A 57 -7.70 -20.14 -0.38
CA VAL A 57 -7.68 -20.08 -0.37
C VAL A 57 -8.65 -19.35 -1.29
N ILE A 58 -8.09 -18.55 -2.18
CA ILE A 58 -8.89 -17.80 -3.16
C ILE A 58 -8.34 -17.98 -4.58
N THR A 59 -9.08 -17.50 -5.57
CA THR A 59 -8.64 -17.52 -6.96
C THR A 59 -7.95 -16.22 -7.33
N LYS A 60 -7.25 -16.23 -8.46
CA LYS A 60 -6.61 -15.02 -8.97
C LYS A 60 -7.65 -13.91 -9.20
N ASP A 61 -8.79 -14.26 -9.78
CA ASP A 61 -9.84 -13.26 -10.01
C ASP A 61 -10.28 -12.62 -8.69
N GLU A 62 -10.45 -13.45 -7.66
CA GLU A 62 -10.84 -12.94 -6.34
C GLU A 62 -9.76 -12.03 -5.74
N ALA A 63 -8.50 -12.43 -5.88
CA ALA A 63 -7.40 -11.60 -5.40
C ALA A 63 -7.39 -10.25 -6.10
N GLU A 64 -7.62 -10.27 -7.42
CA GLU A 64 -7.64 -9.04 -8.19
C GLU A 64 -8.81 -8.15 -7.82
N LYS A 65 -9.95 -8.77 -7.48
CA LYS A 65 -11.11 -7.99 -7.08
CA LYS A 65 -11.14 -8.03 -7.05
C LYS A 65 -10.85 -7.27 -5.75
N LEU A 66 -10.27 -7.98 -4.77
CA LEU A 66 -9.88 -7.32 -3.51
C LEU A 66 -8.88 -6.20 -3.76
N PHE A 67 -7.94 -6.43 -4.66
CA PHE A 67 -6.89 -5.45 -4.98
C PHE A 67 -7.50 -4.16 -5.52
N ASN A 68 -8.44 -4.29 -6.46
CA ASN A 68 -9.17 -3.15 -7.01
CA ASN A 68 -9.11 -3.11 -7.00
C ASN A 68 -9.85 -2.35 -5.91
N GLN A 69 -10.56 -3.06 -5.03
CA GLN A 69 -11.24 -2.43 -3.92
C GLN A 69 -10.25 -1.71 -3.01
N ASP A 70 -9.13 -2.38 -2.73
CA ASP A 70 -8.13 -1.84 -1.81
C ASP A 70 -7.46 -0.58 -2.36
N VAL A 71 -7.12 -0.59 -3.64
CA VAL A 71 -6.49 0.58 -4.27
C VAL A 71 -7.49 1.76 -4.27
N ASP A 72 -8.72 1.48 -4.70
CA ASP A 72 -9.80 2.46 -4.73
CA ASP A 72 -9.75 2.51 -4.73
C ASP A 72 -10.00 3.10 -3.35
N ALA A 73 -10.11 2.24 -2.34
CA ALA A 73 -10.35 2.71 -0.98
C ALA A 73 -9.18 3.54 -0.44
N ALA A 74 -7.96 3.17 -0.83
CA ALA A 74 -6.77 3.94 -0.42
C ALA A 74 -6.84 5.38 -0.96
N VAL A 75 -7.15 5.52 -2.24
CA VAL A 75 -7.32 6.83 -2.87
C VAL A 75 -8.44 7.62 -2.20
N ARG A 76 -9.60 7.00 -2.05
CA ARG A 76 -10.76 7.70 -1.46
C ARG A 76 -10.45 8.15 -0.03
N GLY A 77 -9.70 7.33 0.70
CA GLY A 77 -9.25 7.68 2.05
C GLY A 77 -8.35 8.90 2.07
N ILE A 78 -7.33 8.89 1.21
CA ILE A 78 -6.40 10.02 1.08
C ILE A 78 -7.19 11.32 0.85
N LEU A 79 -8.17 11.25 -0.04
CA LEU A 79 -8.98 12.43 -0.39
C LEU A 79 -9.85 12.93 0.77
N ARG A 80 -10.18 12.03 1.70
CA ARG A 80 -10.97 12.42 2.87
CA ARG A 80 -10.97 12.35 2.90
C ARG A 80 -10.11 12.89 4.05
N ASN A 81 -8.80 12.72 3.93
CA ASN A 81 -7.86 13.10 4.99
C ASN A 81 -7.33 14.52 4.78
N ALA A 82 -7.68 15.41 5.70
CA ALA A 82 -7.33 16.83 5.61
C ALA A 82 -5.83 17.11 5.56
N LYS A 83 -5.04 16.21 6.15
CA LYS A 83 -3.58 16.33 6.12
C LYS A 83 -2.99 15.86 4.79
N LEU A 84 -3.64 14.87 4.17
CA LEU A 84 -3.09 14.23 2.97
C LEU A 84 -3.59 14.83 1.66
N LYS A 85 -4.88 15.19 1.62
CA LYS A 85 -5.47 15.68 0.36
C LYS A 85 -4.68 16.83 -0.30
N PRO A 86 -4.32 17.89 0.46
CA PRO A 86 -3.60 18.99 -0.21
C PRO A 86 -2.28 18.54 -0.84
N VAL A 87 -1.55 17.65 -0.16
CA VAL A 87 -0.28 17.18 -0.70
C VAL A 87 -0.53 16.30 -1.92
N TYR A 88 -1.45 15.36 -1.80
CA TYR A 88 -1.79 14.47 -2.90
C TYR A 88 -2.21 15.25 -4.13
N ASP A 89 -3.11 16.22 -3.94
CA ASP A 89 -3.59 17.02 -5.06
C ASP A 89 -2.50 17.88 -5.67
N SER A 90 -1.44 18.17 -4.91
CA SER A 90 -0.34 18.98 -5.44
C SER A 90 0.59 18.18 -6.35
N LEU A 91 0.51 16.86 -6.25
CA LEU A 91 1.40 15.96 -6.98
C LEU A 91 0.95 15.69 -8.40
N ASP A 92 1.94 15.34 -9.24
CA ASP A 92 1.71 14.76 -10.56
C ASP A 92 1.25 13.30 -10.40
N ALA A 93 0.73 12.71 -11.47
CA ALA A 93 0.17 11.36 -11.41
C ALA A 93 1.14 10.26 -11.00
N VAL A 94 2.41 10.37 -11.40
CA VAL A 94 3.38 9.34 -11.02
C VAL A 94 3.66 9.38 -9.53
N ARG A 95 3.93 10.57 -9.00
CA ARG A 95 4.14 10.70 -7.56
C ARG A 95 2.89 10.36 -6.75
N ARG A 96 1.70 10.61 -7.30
CA ARG A 96 0.47 10.17 -6.66
C ARG A 96 0.47 8.65 -6.46
N CYS A 97 1.02 7.92 -7.43
CA CYS A 97 1.14 6.46 -7.28
C CYS A 97 2.02 6.08 -6.11
N ALA A 98 3.11 6.80 -5.91
CA ALA A 98 3.97 6.56 -4.76
C ALA A 98 3.22 6.81 -3.45
N ALA A 99 2.40 7.87 -3.41
CA ALA A 99 1.56 8.16 -2.26
C ALA A 99 0.59 7.02 -1.96
N ILE A 100 -0.09 6.53 -3.00
CA ILE A 100 -1.02 5.42 -2.84
C ILE A 100 -0.30 4.17 -2.33
N ASN A 101 0.88 3.90 -2.90
CA ASN A 101 1.69 2.76 -2.50
C ASN A 101 2.00 2.81 -1.01
N GLN A 102 2.49 3.96 -0.54
CA GLN A 102 2.84 4.12 0.86
C GLN A 102 1.63 3.92 1.79
N VAL A 103 0.50 4.52 1.42
CA VAL A 103 -0.71 4.38 2.23
C VAL A 103 -1.22 2.94 2.22
N PHE A 104 -1.16 2.29 1.06
CA PHE A 104 -1.54 0.88 0.93
C PHE A 104 -0.74 0.03 1.92
N GLN A 105 0.57 0.28 2.01
CA GLN A 105 1.44 -0.51 2.88
C GLN A 105 1.27 -0.19 4.36
N MET A 106 1.25 1.09 4.71
CA MET A 106 1.36 1.57 6.10
CA MET A 106 1.31 1.42 6.13
C MET A 106 0.02 2.02 6.71
N GLY A 107 -0.96 2.31 5.84
CA GLY A 107 -2.22 2.90 6.27
C GLY A 107 -2.07 4.39 6.53
N GLU A 108 -3.19 5.09 6.65
CA GLU A 108 -3.18 6.52 6.98
C GLU A 108 -2.55 6.79 8.35
N THR A 109 -2.78 5.90 9.31
CA THR A 109 -2.15 6.00 10.63
C THR A 109 -0.64 5.87 10.54
N GLY A 110 -0.18 5.00 9.64
CA GLY A 110 1.24 4.82 9.38
C GLY A 110 1.90 6.08 8.86
N VAL A 111 1.17 6.86 8.06
CA VAL A 111 1.72 8.09 7.47
C VAL A 111 1.63 9.30 8.41
N ALA A 112 1.06 9.12 9.61
CA ALA A 112 0.86 10.22 10.57
C ALA A 112 2.14 10.96 10.96
N GLY A 113 3.24 10.24 11.10
CA GLY A 113 4.52 10.83 11.51
C GLY A 113 5.29 11.46 10.38
N PHE A 114 4.73 11.40 9.16
CA PHE A 114 5.41 11.89 7.95
C PHE A 114 5.14 13.36 7.64
N THR A 115 4.66 14.12 8.61
CA THR A 115 4.35 15.55 8.44
C THR A 115 5.44 16.36 7.73
N ASN A 116 6.70 16.20 8.15
CA ASN A 116 7.80 16.92 7.53
C ASN A 116 8.06 16.48 6.09
N SER A 117 7.98 15.17 5.83
CA SER A 117 8.13 14.64 4.47
C SER A 117 7.04 15.20 3.57
N LEU A 118 5.82 15.21 4.09
CA LEU A 118 4.66 15.69 3.35
C LEU A 118 4.80 17.15 2.95
N ARG A 119 5.28 17.97 3.88
CA ARG A 119 5.51 19.38 3.59
C ARG A 119 6.54 19.52 2.47
N MET A 120 7.63 18.77 2.54
CA MET A 120 8.68 18.84 1.52
C MET A 120 8.16 18.40 0.16
N LEU A 121 7.32 17.37 0.15
CA LEU A 121 6.68 16.93 -1.09
C LEU A 121 5.77 18.00 -1.67
N GLN A 122 4.96 18.63 -0.82
CA GLN A 122 4.09 19.70 -1.31
C GLN A 122 4.88 20.89 -1.84
N GLN A 123 6.03 21.16 -1.23
CA GLN A 123 6.94 22.20 -1.67
C GLN A 123 7.75 21.81 -2.91
N LYS A 124 7.66 20.54 -3.32
CA LYS A 124 8.41 20.01 -4.47
C LYS A 124 9.92 20.10 -4.25
N ARG A 125 10.33 19.93 -2.99
CA ARG A 125 11.72 19.85 -2.62
C ARG A 125 12.09 18.37 -2.63
N TRP A 126 12.28 17.84 -3.84
CA TRP A 126 12.25 16.40 -4.02
C TRP A 126 13.41 15.67 -3.38
N ASP A 127 14.63 16.19 -3.50
CA ASP A 127 15.77 15.51 -2.89
C ASP A 127 15.69 15.54 -1.36
N GLU A 128 15.28 16.69 -0.82
CA GLU A 128 15.11 16.84 0.62
C GLU A 128 14.00 15.91 1.13
N ALA A 129 12.89 15.84 0.40
CA ALA A 129 11.80 14.93 0.77
C ALA A 129 12.30 13.49 0.81
N ALA A 130 13.05 13.10 -0.21
CA ALA A 130 13.58 11.74 -0.31
C ALA A 130 14.49 11.40 0.88
N VAL A 131 15.36 12.33 1.25
CA VAL A 131 16.22 12.14 2.44
C VAL A 131 15.36 11.99 3.70
N ASN A 132 14.34 12.83 3.85
CA ASN A 132 13.51 12.78 5.04
C ASN A 132 12.68 11.50 5.11
N LEU A 133 12.17 11.05 3.97
CA LEU A 133 11.37 9.82 3.91
C LEU A 133 12.12 8.59 4.40
N ALA A 134 13.43 8.56 4.18
CA ALA A 134 14.26 7.42 4.54
C ALA A 134 14.59 7.36 6.04
N LYS A 135 14.35 8.47 6.75
CA LYS A 135 14.56 8.51 8.19
C LYS A 135 13.32 7.99 8.90
N SER A 136 13.06 6.69 8.76
CA SER A 136 11.78 6.13 9.16
C SER A 136 11.90 4.67 9.47
N ARG A 137 11.02 4.19 10.36
CA ARG A 137 10.86 2.76 10.57
C ARG A 137 10.56 2.08 9.25
N TRP A 138 9.68 2.69 8.46
CA TRP A 138 9.31 2.17 7.14
C TRP A 138 10.52 1.77 6.30
N TYR A 139 11.43 2.72 6.13
CA TYR A 139 12.63 2.49 5.34
C TYR A 139 13.49 1.38 5.96
N ASN A 140 13.69 1.44 7.27
CA ASN A 140 14.52 0.44 7.92
C ASN A 140 13.98 -0.98 7.85
N GLN A 141 12.66 -1.13 7.94
CA GLN A 141 12.06 -2.46 7.95
C GLN A 141 11.85 -3.02 6.54
N THR A 142 11.53 -2.16 5.58
CA THR A 142 11.37 -2.59 4.19
C THR A 142 12.20 -1.69 3.27
N PRO A 143 13.55 -1.78 3.36
CA PRO A 143 14.38 -0.85 2.61
C PRO A 143 14.33 -0.96 1.09
N ASN A 144 14.27 -2.17 0.54
CA ASN A 144 14.28 -2.24 -0.90
CA ASN A 144 14.24 -2.33 -0.91
C ASN A 144 13.00 -1.69 -1.52
N ARG A 145 11.86 -1.96 -0.89
CA ARG A 145 10.61 -1.39 -1.35
C ARG A 145 10.56 0.11 -1.10
N ALA A 146 10.98 0.55 0.09
CA ALA A 146 10.98 1.98 0.38
C ALA A 146 11.88 2.73 -0.59
N LYS A 147 13.02 2.14 -0.95
CA LYS A 147 13.91 2.79 -1.92
C LYS A 147 13.21 3.00 -3.26
N ARG A 148 12.43 2.00 -3.70
CA ARG A 148 11.68 2.15 -4.97
C ARG A 148 10.65 3.27 -4.87
N VAL A 149 9.91 3.28 -3.78
CA VAL A 149 8.84 4.27 -3.59
C VAL A 149 9.46 5.67 -3.47
N ILE A 150 10.55 5.78 -2.71
CA ILE A 150 11.24 7.05 -2.54
C ILE A 150 11.81 7.55 -3.87
N THR A 151 12.41 6.67 -4.67
CA THR A 151 12.88 7.08 -6.00
C THR A 151 11.73 7.64 -6.85
N THR A 152 10.56 7.03 -6.71
CA THR A 152 9.39 7.48 -7.45
C THR A 152 8.97 8.89 -6.97
N PHE A 153 8.95 9.11 -5.66
CA PHE A 153 8.72 10.45 -5.11
C PHE A 153 9.80 11.44 -5.54
N ARG A 154 11.05 11.00 -5.61
CA ARG A 154 12.15 11.92 -5.91
C ARG A 154 12.13 12.37 -7.36
N THR A 155 11.82 11.44 -8.28
CA THR A 155 12.01 11.67 -9.70
C THR A 155 10.73 11.90 -10.50
N GLY A 156 9.61 11.41 -9.99
CA GLY A 156 8.36 11.43 -10.77
C GLY A 156 8.46 10.59 -12.02
N THR A 157 9.34 9.58 -11.99
CA THR A 157 9.47 8.62 -13.07
C THR A 157 9.26 7.22 -12.52
N TRP A 158 9.14 6.26 -13.42
CA TRP A 158 9.02 4.86 -13.07
C TRP A 158 10.35 4.12 -13.10
N ASP A 159 11.46 4.84 -13.02
CA ASP A 159 12.79 4.24 -13.14
C ASP A 159 13.02 3.07 -12.17
N ALA A 160 12.46 3.15 -10.97
CA ALA A 160 12.68 2.11 -9.96
C ALA A 160 11.91 0.81 -10.23
N TYR A 161 10.96 0.86 -11.16
CA TYR A 161 10.09 -0.28 -11.46
C TYR A 161 10.28 -0.85 -12.87
N LYS A 162 11.07 -0.16 -13.70
CA LYS A 162 11.40 -0.62 -15.06
C LYS A 162 10.24 -1.28 -15.81
P PO4 B . 5.14 -16.14 5.77
O1 PO4 B . 6.19 -17.18 5.34
O2 PO4 B . 5.55 -15.68 7.15
O3 PO4 B . 5.17 -15.00 4.76
O4 PO4 B . 3.74 -16.74 5.79
CAE 265 C . 2.42 10.99 0.43
CAE 265 C . 0.93 10.12 1.30
CAC 265 C . 2.96 10.00 1.17
CAC 265 C . 2.14 9.66 1.65
CAD 265 C . 2.10 9.26 1.90
CAD 265 C . 3.19 10.31 1.10
SAF 265 C . 0.57 9.89 1.58
SAF 265 C . 2.56 11.53 0.11
CAG 265 C . 1.10 11.08 0.54
CAG 265 C . 0.96 11.16 0.46
NAH 265 C . 0.30 11.94 -0.08
NAH 265 C . -0.09 11.79 -0.04
OAB 265 C . 0.83 12.93 -0.93
OAB 265 C . -1.40 11.37 0.28
OAA 265 C . -1.10 11.86 0.11
OAA 265 C . 0.09 12.85 -0.93
#